data_9M2Z
#
_entry.id   9M2Z
#
_cell.length_a   45.100
_cell.length_b   70.520
_cell.length_c   88.850
_cell.angle_alpha   90.00
_cell.angle_beta   90.00
_cell.angle_gamma   90.00
#
_symmetry.space_group_name_H-M   'C 2 2 21'
#
loop_
_entity.id
_entity.type
_entity.pdbx_description
1 polymer 'DUF3237 protein'
2 water water
#
_entity_poly.entity_id   1
_entity_poly.type   'polypeptide(L)'
_entity_poly.pdbx_seq_one_letter_code
;MGSSHHHHHHSSGLVPRGSHMTYLFSATVNLGGALAPIPLLGGGTRVVEPITGGTIYGPGFNATIEGGLAAPILIKENGT
TSQLPWVYAYGHASDGSPFYIEEDGIGSSATQNTRLIIQVGGKYADLQKMYVLGQPSVNEERTVATVECWSHHHHHH
;
_entity_poly.pdbx_strand_id   A
#
# COMPACT_ATOMS: atom_id res chain seq x y z
N HIS A 10 -32.83 -2.76 1.89
CA HIS A 10 -33.38 -1.72 1.02
C HIS A 10 -33.81 -0.44 1.73
N SER A 11 -33.24 0.68 1.30
CA SER A 11 -33.51 2.00 1.85
C SER A 11 -34.38 2.83 0.91
N SER A 12 -35.08 3.81 1.48
CA SER A 12 -35.76 4.81 0.67
C SER A 12 -34.71 5.68 -0.04
N GLY A 13 -35.09 6.17 -1.21
CA GLY A 13 -34.18 6.98 -1.98
C GLY A 13 -33.43 6.16 -2.99
N LEU A 14 -32.30 6.72 -3.39
CA LEU A 14 -31.49 6.15 -4.45
C LEU A 14 -30.04 5.91 -4.05
N VAL A 15 -29.63 6.31 -2.84
CA VAL A 15 -28.28 6.08 -2.35
C VAL A 15 -28.38 5.31 -1.05
N PRO A 16 -27.83 4.09 -0.94
CA PRO A 16 -27.78 3.42 0.37
C PRO A 16 -26.70 4.06 1.26
N ARG A 17 -27.10 4.38 2.48
CA ARG A 17 -26.23 5.00 3.47
C ARG A 17 -25.76 3.97 4.49
N GLY A 18 -24.91 4.40 5.40
CA GLY A 18 -24.28 3.49 6.35
C GLY A 18 -22.86 3.14 5.92
N SER A 19 -22.02 2.85 6.90
CA SER A 19 -20.64 2.53 6.58
C SER A 19 -20.56 1.23 5.75
N HIS A 20 -19.74 1.26 4.70
CA HIS A 20 -19.43 0.06 3.92
C HIS A 20 -17.95 0.10 3.62
N MET A 21 -17.24 -0.77 4.33
CA MET A 21 -15.82 -1.08 4.09
C MET A 21 -15.78 -2.42 3.39
N THR A 22 -15.00 -2.51 2.33
CA THR A 22 -15.07 -3.68 1.49
C THR A 22 -13.65 -4.16 1.27
N TYR A 23 -13.42 -5.43 1.61
CA TYR A 23 -12.10 -6.02 1.43
C TYR A 23 -11.82 -6.16 -0.05
N LEU A 24 -10.63 -5.75 -0.46
CA LEU A 24 -10.24 -5.82 -1.85
C LEU A 24 -9.18 -6.81 -2.18
N PHE A 25 -8.07 -6.75 -1.49
CA PHE A 25 -6.98 -7.61 -1.73
C PHE A 25 -5.88 -7.54 -0.70
N SER A 26 -5.04 -8.55 -0.76
CA SER A 26 -3.80 -8.63 -0.01
C SER A 26 -2.65 -8.66 -0.99
N ALA A 27 -1.55 -8.01 -0.63
CA ALA A 27 -0.34 -7.98 -1.45
C ALA A 27 0.79 -8.64 -0.66
N THR A 28 1.48 -9.57 -1.29
CA THR A 28 2.68 -10.19 -0.76
C THR A 28 3.83 -9.61 -1.58
N VAL A 29 4.77 -8.93 -0.91
CA VAL A 29 5.78 -8.15 -1.58
C VAL A 29 7.14 -8.67 -1.16
N ASN A 30 7.90 -9.14 -2.14
CA ASN A 30 9.24 -9.66 -1.88
C ASN A 30 10.25 -8.52 -1.90
N LEU A 31 11.04 -8.42 -0.84
CA LEU A 31 12.02 -7.38 -0.66
C LEU A 31 13.41 -7.94 -0.91
N GLY A 32 14.22 -7.19 -1.60
CA GLY A 32 15.56 -7.70 -1.84
C GLY A 32 16.58 -6.60 -1.84
N GLY A 33 17.69 -6.82 -1.18
CA GLY A 33 18.78 -5.89 -1.23
C GLY A 33 18.56 -4.54 -0.60
N ALA A 34 18.16 -4.46 0.65
CA ALA A 34 18.01 -3.13 1.27
C ALA A 34 19.35 -2.40 1.43
N LEU A 35 19.27 -1.08 1.31
CA LEU A 35 20.37 -0.18 1.61
C LEU A 35 20.44 0.08 3.10
N ALA A 36 21.62 0.41 3.58
CA ALA A 36 21.77 0.81 4.97
C ALA A 36 20.95 2.08 5.19
N PRO A 37 20.47 2.32 6.39
CA PRO A 37 19.73 3.57 6.65
C PRO A 37 20.51 4.81 6.26
N ILE A 38 19.78 5.76 5.69
CA ILE A 38 20.34 7.06 5.32
C ILE A 38 19.94 8.06 6.41
N PRO A 39 20.89 8.75 7.03
CA PRO A 39 20.54 9.71 8.10
C PRO A 39 19.97 11.00 7.53
N LEU A 40 18.81 11.39 8.05
CA LEU A 40 18.12 12.60 7.58
C LEU A 40 18.33 13.76 8.53
N LEU A 41 18.36 14.97 7.96
CA LEU A 41 18.33 16.17 8.76
C LEU A 41 17.20 16.08 9.76
N GLY A 42 17.51 16.30 11.03
CA GLY A 42 16.53 16.23 12.10
C GLY A 42 16.58 14.95 12.88
N GLY A 43 17.17 13.91 12.33
CA GLY A 43 17.47 12.73 13.09
C GLY A 43 16.74 11.48 12.61
N GLY A 44 15.86 11.60 11.65
CA GLY A 44 15.16 10.43 11.10
C GLY A 44 16.08 9.63 10.19
N THR A 45 15.56 8.52 9.67
CA THR A 45 16.28 7.77 8.65
C THR A 45 15.39 7.34 7.49
N ARG A 46 15.98 7.27 6.29
CA ARG A 46 15.29 6.76 5.11
C ARG A 46 15.87 5.38 4.84
N VAL A 47 15.03 4.35 4.79
CA VAL A 47 15.47 2.99 4.55
C VAL A 47 14.96 2.54 3.20
N VAL A 48 15.85 2.34 2.25
CA VAL A 48 15.46 1.97 0.87
C VAL A 48 15.45 0.45 0.75
N GLU A 49 14.29 -0.11 0.39
CA GLU A 49 14.11 -1.55 0.25
C GLU A 49 13.49 -1.84 -1.13
N PRO A 50 14.32 -2.21 -2.11
CA PRO A 50 13.83 -2.55 -3.46
C PRO A 50 12.89 -3.73 -3.40
N ILE A 51 11.93 -3.72 -4.31
CA ILE A 51 10.95 -4.78 -4.44
C ILE A 51 11.36 -5.66 -5.60
N THR A 52 11.45 -6.98 -5.36
CA THR A 52 11.91 -7.87 -6.41
C THR A 52 10.78 -8.63 -7.09
N GLY A 53 9.58 -8.60 -6.51
CA GLY A 53 8.47 -9.31 -7.10
C GLY A 53 7.40 -9.43 -6.03
N GLY A 54 6.39 -10.25 -6.32
CA GLY A 54 5.30 -10.44 -5.39
C GLY A 54 3.98 -10.67 -6.11
N THR A 55 2.92 -10.79 -5.32
CA THR A 55 1.61 -11.08 -5.92
C THR A 55 0.54 -10.35 -5.12
N ILE A 56 -0.56 -10.10 -5.80
CA ILE A 56 -1.73 -9.42 -5.25
C ILE A 56 -2.91 -10.33 -5.54
N TYR A 57 -3.74 -10.61 -4.52
CA TYR A 57 -4.80 -11.59 -4.70
C TYR A 57 -5.98 -11.18 -3.85
N GLY A 58 -7.16 -11.30 -4.41
CA GLY A 58 -8.36 -11.08 -3.65
C GLY A 58 -9.52 -10.85 -4.58
N PRO A 59 -10.69 -10.57 -4.00
CA PRO A 59 -11.87 -10.38 -4.84
C PRO A 59 -11.80 -9.12 -5.68
N GLY A 60 -10.98 -8.14 -5.30
CA GLY A 60 -11.04 -6.85 -5.93
C GLY A 60 -9.87 -6.53 -6.83
N PHE A 61 -8.82 -7.34 -6.80
CA PHE A 61 -7.61 -7.10 -7.58
C PHE A 61 -6.78 -8.37 -7.50
N ASN A 62 -6.21 -8.76 -8.65
CA ASN A 62 -5.26 -9.87 -8.76
C ASN A 62 -4.21 -9.44 -9.74
N ALA A 63 -2.94 -9.56 -9.35
CA ALA A 63 -1.87 -9.02 -10.15
C ALA A 63 -0.57 -9.67 -9.72
N THR A 64 0.41 -9.55 -10.59
CA THR A 64 1.79 -9.87 -10.29
C THR A 64 2.63 -8.59 -10.21
N ILE A 65 3.35 -8.45 -9.09
CA ILE A 65 4.27 -7.33 -8.84
C ILE A 65 5.59 -7.67 -9.53
N GLU A 66 6.09 -6.74 -10.35
CA GLU A 66 7.35 -6.95 -11.02
C GLU A 66 8.49 -6.10 -10.52
N GLY A 67 8.20 -5.02 -9.78
CA GLY A 67 9.30 -4.23 -9.28
C GLY A 67 8.78 -3.03 -8.53
N GLY A 68 9.73 -2.24 -8.06
CA GLY A 68 9.50 -1.00 -7.37
C GLY A 68 10.39 -0.89 -6.17
N LEU A 69 9.92 -0.15 -5.18
CA LEU A 69 10.70 0.05 -3.97
C LEU A 69 9.85 0.49 -2.82
N ALA A 70 10.26 0.11 -1.63
CA ALA A 70 9.70 0.65 -0.41
C ALA A 70 10.72 1.66 0.09
N ALA A 71 10.28 2.79 0.55
CA ALA A 71 11.19 3.85 1.00
C ALA A 71 10.56 4.40 2.25
N PRO A 72 10.46 3.58 3.30
CA PRO A 72 9.98 4.09 4.60
C PRO A 72 10.96 5.10 5.24
N ILE A 73 10.37 6.04 5.96
CA ILE A 73 11.09 6.99 6.78
C ILE A 73 10.78 6.64 8.23
N LEU A 74 11.80 6.58 9.05
CA LEU A 74 11.67 6.24 10.47
C LEU A 74 11.99 7.51 11.24
N ILE A 75 11.06 7.97 12.07
CA ILE A 75 11.27 9.26 12.73
C ILE A 75 10.80 9.14 14.15
N LYS A 76 11.64 9.54 15.10
CA LYS A 76 11.31 9.51 16.51
C LYS A 76 10.68 10.84 16.91
N GLU A 77 9.49 10.78 17.50
CA GLU A 77 8.84 11.99 17.99
C GLU A 77 8.18 11.70 19.33
N ASN A 78 8.43 12.58 20.30
CA ASN A 78 7.94 12.42 21.67
C ASN A 78 8.27 11.02 22.18
N GLY A 79 9.46 10.54 21.84
CA GLY A 79 9.95 9.28 22.34
C GLY A 79 9.54 8.05 21.54
N THR A 80 8.54 8.15 20.67
CA THR A 80 8.05 7.00 19.93
C THR A 80 8.52 7.06 18.48
N THR A 81 8.86 5.89 17.91
CA THR A 81 9.33 5.83 16.52
C THR A 81 8.18 5.49 15.59
N SER A 82 7.93 6.36 14.63
CA SER A 82 6.90 6.18 13.61
C SER A 82 7.55 5.75 12.32
N GLN A 83 6.79 5.07 11.47
CA GLN A 83 7.23 4.72 10.13
C GLN A 83 6.27 5.32 9.12
N LEU A 84 6.81 6.07 8.16
CA LEU A 84 6.03 6.62 7.07
C LEU A 84 6.23 5.66 5.91
N PRO A 85 5.27 4.84 5.57
CA PRO A 85 5.57 3.69 4.68
C PRO A 85 5.37 3.96 3.19
N TRP A 86 6.19 4.84 2.67
CA TRP A 86 6.21 5.11 1.24
C TRP A 86 6.53 3.85 0.44
N VAL A 87 5.67 3.49 -0.50
CA VAL A 87 5.92 2.36 -1.38
C VAL A 87 5.49 2.73 -2.80
N TYR A 88 6.30 2.31 -3.77
CA TYR A 88 6.00 2.54 -5.18
C TYR A 88 6.21 1.22 -5.88
N ALA A 89 5.14 0.68 -6.53
CA ALA A 89 5.27 -0.62 -7.10
C ALA A 89 4.51 -0.70 -8.39
N TYR A 90 4.92 -1.66 -9.21
CA TYR A 90 4.31 -1.82 -10.53
C TYR A 90 4.33 -3.31 -10.94
N GLY A 91 3.50 -3.59 -11.94
CA GLY A 91 3.41 -4.93 -12.47
C GLY A 91 2.30 -5.02 -13.50
N HIS A 92 1.72 -6.21 -13.60
CA HIS A 92 0.56 -6.44 -14.45
C HIS A 92 -0.52 -7.17 -13.69
N ALA A 93 -1.75 -6.74 -13.97
CA ALA A 93 -2.92 -7.36 -13.41
C ALA A 93 -3.21 -8.65 -14.16
N SER A 94 -4.08 -9.47 -13.59
CA SER A 94 -4.34 -10.79 -14.16
C SER A 94 -4.91 -10.73 -15.56
N ASP A 95 -5.44 -9.60 -16.02
CA ASP A 95 -5.90 -9.48 -17.40
C ASP A 95 -4.82 -8.96 -18.30
N GLY A 96 -3.62 -8.80 -17.76
CA GLY A 96 -2.49 -8.26 -18.49
C GLY A 96 -2.29 -6.76 -18.42
N SER A 97 -3.21 -6.03 -17.74
CA SER A 97 -3.13 -4.56 -17.72
C SER A 97 -1.97 -4.11 -16.84
N PRO A 98 -1.10 -3.21 -17.32
CA PRO A 98 -0.10 -2.63 -16.40
C PRO A 98 -0.75 -1.87 -15.26
N PHE A 99 -0.12 -1.87 -14.10
CA PHE A 99 -0.57 -1.10 -12.97
C PHE A 99 0.58 -0.44 -12.26
N TYR A 100 0.26 0.64 -11.53
CA TYR A 100 1.18 1.38 -10.69
C TYR A 100 0.50 1.57 -9.35
N ILE A 101 1.18 1.24 -8.24
CA ILE A 101 0.54 1.39 -6.94
C ILE A 101 1.47 2.28 -6.13
N GLU A 102 0.89 3.16 -5.33
CA GLU A 102 1.68 4.04 -4.47
C GLU A 102 1.02 4.00 -3.09
N GLU A 103 1.81 3.66 -2.06
CA GLU A 103 1.34 3.73 -0.67
C GLU A 103 1.88 5.03 -0.10
N ASP A 104 0.97 5.86 0.41
CA ASP A 104 1.33 7.18 0.93
C ASP A 104 2.03 7.00 2.27
N GLY A 105 3.05 7.81 2.51
CA GLY A 105 3.76 7.70 3.79
C GLY A 105 2.99 8.38 4.90
N ILE A 106 2.16 9.34 4.53
CA ILE A 106 1.46 10.19 5.48
C ILE A 106 0.05 9.67 5.61
N GLY A 107 -0.33 9.29 6.83
CA GLY A 107 -1.65 8.76 7.12
C GLY A 107 -2.30 9.52 8.27
N SER A 108 -2.82 10.70 7.96
CA SER A 108 -3.10 11.68 9.00
C SER A 108 -4.37 11.34 9.77
N SER A 109 -5.28 10.57 9.19
CA SER A 109 -6.67 10.59 9.64
C SER A 109 -6.91 9.86 10.95
N ALA A 110 -6.21 10.26 12.02
CA ALA A 110 -6.39 9.64 13.34
C ALA A 110 -6.51 8.13 13.18
N THR A 111 -5.81 7.59 12.17
CA THR A 111 -5.81 6.19 11.83
C THR A 111 -4.38 5.80 11.55
N GLN A 112 -4.05 4.52 11.80
CA GLN A 112 -2.70 4.07 11.49
C GLN A 112 -2.52 3.81 10.00
N ASN A 113 -3.57 3.34 9.32
CA ASN A 113 -3.45 2.95 7.93
C ASN A 113 -3.16 4.15 7.03
N THR A 114 -2.62 3.87 5.85
CA THR A 114 -2.29 4.88 4.85
C THR A 114 -3.09 4.59 3.59
N ARG A 115 -3.25 5.61 2.75
CA ARG A 115 -3.92 5.43 1.48
C ARG A 115 -3.00 4.72 0.47
N LEU A 116 -3.60 3.88 -0.34
N LEU A 116 -3.52 3.71 -0.20
CA LEU A 116 -2.92 3.12 -1.39
CA LEU A 116 -2.91 3.13 -1.40
C LEU A 116 -3.62 3.40 -2.72
C LEU A 116 -3.67 3.71 -2.56
N ILE A 117 -2.96 4.15 -3.59
CA ILE A 117 -3.59 4.57 -4.83
C ILE A 117 -3.24 3.51 -5.84
N ILE A 118 -4.22 3.02 -6.54
CA ILE A 118 -4.00 1.99 -7.54
C ILE A 118 -4.37 2.61 -8.88
N GLN A 119 -3.45 2.58 -9.83
CA GLN A 119 -3.72 3.09 -11.17
C GLN A 119 -3.56 1.91 -12.12
N VAL A 120 -4.66 1.55 -12.75
CA VAL A 120 -4.76 0.38 -13.61
C VAL A 120 -5.96 0.59 -14.51
N GLY A 121 -5.82 0.17 -15.76
CA GLY A 121 -6.94 0.07 -16.71
C GLY A 121 -7.54 -1.32 -16.74
N GLY A 122 -8.35 -1.58 -17.76
CA GLY A 122 -8.84 -2.94 -17.88
C GLY A 122 -9.86 -3.36 -16.83
N LYS A 123 -9.82 -4.63 -16.47
CA LYS A 123 -10.94 -5.20 -15.72
C LYS A 123 -11.01 -4.62 -14.30
N TYR A 124 -9.89 -4.14 -13.78
CA TYR A 124 -9.82 -3.64 -12.42
C TYR A 124 -9.79 -2.12 -12.36
N ALA A 125 -10.11 -1.47 -13.49
CA ALA A 125 -9.97 -0.02 -13.59
C ALA A 125 -10.77 0.70 -12.52
N ASP A 126 -11.82 0.10 -12.01
CA ASP A 126 -12.64 0.84 -11.07
C ASP A 126 -11.94 1.03 -9.74
N LEU A 127 -10.82 0.35 -9.49
CA LEU A 127 -10.05 0.70 -8.30
C LEU A 127 -9.64 2.16 -8.25
N GLN A 128 -9.49 2.82 -9.40
CA GLN A 128 -9.12 4.23 -9.37
C GLN A 128 -10.16 5.10 -8.70
N LYS A 129 -11.36 4.64 -8.67
CA LYS A 129 -12.45 5.40 -8.10
C LYS A 129 -12.59 5.19 -6.62
N MET A 130 -11.79 4.32 -6.05
CA MET A 130 -11.99 4.00 -4.65
C MET A 130 -10.96 4.68 -3.75
N TYR A 131 -11.34 4.80 -2.48
CA TYR A 131 -10.47 5.24 -1.42
C TYR A 131 -9.98 3.99 -0.71
N VAL A 132 -8.75 3.60 -1.00
CA VAL A 132 -8.20 2.34 -0.53
C VAL A 132 -7.19 2.56 0.61
N LEU A 133 -7.39 1.88 1.73
CA LEU A 133 -6.50 1.97 2.86
C LEU A 133 -5.73 0.67 2.99
N GLY A 134 -4.44 0.78 3.25
CA GLY A 134 -3.57 -0.38 3.37
C GLY A 134 -2.91 -0.45 4.73
N GLN A 135 -2.74 -1.69 5.23
CA GLN A 135 -2.11 -2.02 6.50
C GLN A 135 -0.84 -2.80 6.20
N PRO A 136 0.33 -2.19 6.21
CA PRO A 136 1.54 -2.95 5.90
C PRO A 136 2.17 -3.56 7.14
N SER A 137 2.83 -4.69 6.92
CA SER A 137 3.62 -5.37 7.92
C SER A 137 4.76 -6.09 7.21
N VAL A 138 5.75 -6.51 7.99
CA VAL A 138 6.98 -7.04 7.42
C VAL A 138 7.47 -8.16 8.31
N ASN A 139 8.05 -9.18 7.70
CA ASN A 139 8.64 -10.23 8.52
C ASN A 139 9.99 -9.80 9.06
N GLU A 140 10.50 -10.53 10.05
CA GLU A 140 11.67 -10.05 10.79
C GLU A 140 12.95 -10.14 9.95
N GLU A 141 12.98 -11.06 8.99
CA GLU A 141 14.08 -11.17 8.06
C GLU A 141 14.07 -10.07 7.01
N ARG A 142 13.03 -9.22 7.00
CA ARG A 142 12.88 -8.15 6.00
C ARG A 142 12.99 -8.69 4.58
N THR A 143 12.41 -9.87 4.37
CA THR A 143 12.37 -10.44 3.05
C THR A 143 10.99 -10.35 2.42
N VAL A 144 9.93 -10.21 3.22
CA VAL A 144 8.57 -10.18 2.69
C VAL A 144 7.75 -9.16 3.45
N ALA A 145 7.08 -8.27 2.72
CA ALA A 145 6.11 -7.36 3.28
C ALA A 145 4.71 -7.78 2.84
N THR A 146 3.75 -7.54 3.70
CA THR A 146 2.38 -7.88 3.41
C THR A 146 1.52 -6.65 3.62
N VAL A 147 0.55 -6.45 2.73
CA VAL A 147 -0.40 -5.35 2.84
C VAL A 147 -1.80 -5.93 2.64
N GLU A 148 -2.74 -5.46 3.44
CA GLU A 148 -4.12 -5.90 3.40
C GLU A 148 -4.94 -4.66 3.13
N CYS A 149 -5.78 -4.68 2.09
CA CYS A 149 -6.39 -3.45 1.59
C CYS A 149 -7.91 -3.55 1.48
N TRP A 150 -8.59 -2.50 1.94
CA TRP A 150 -10.03 -2.37 1.87
C TRP A 150 -10.37 -0.98 1.34
N SER A 151 -11.55 -0.87 0.76
CA SER A 151 -12.07 0.43 0.36
C SER A 151 -12.90 1.02 1.51
N HIS A 152 -12.87 2.36 1.60
CA HIS A 152 -13.57 3.15 2.59
C HIS A 152 -14.42 4.21 1.91
N HIS A 153 -15.33 4.82 2.66
CA HIS A 153 -16.11 5.92 2.09
C HIS A 153 -15.29 7.22 2.12
N HIS A 154 -15.09 7.81 0.95
CA HIS A 154 -14.40 9.10 0.75
C HIS A 154 -14.70 10.13 1.83
#